data_8JAT
#
_entry.id   8JAT
#
_cell.length_a   111.311
_cell.length_b   111.311
_cell.length_c   80.399
_cell.angle_alpha   90.00
_cell.angle_beta   90.00
_cell.angle_gamma   120.00
#
_symmetry.space_group_name_H-M   'P 61 2 2'
#
loop_
_entity.id
_entity.type
_entity.pdbx_description
1 polymer '3-ketodihydrosphingosine reductase TSC10'
2 non-polymer 'NADPH DIHYDRO-NICOTINAMIDE-ADENINE-DINUCLEOTIDE PHOSPHATE'
3 water water
#
_entity_poly.entity_id   1
_entity_poly.type   'polypeptide(L)'
_entity_poly.pdbx_seq_one_letter_code
;MSNYDPRGKHCYITGGSSGLGKALAERLVKQGAHVTIVGRDSKKAEGVVEELKAIAAPGQIIQCIAADLTSPIASTNAIH
AACKPHADQAPDYVYLCAGFSRPKLFVETTKQELKDGLDGVYWVSAYTAHEACQMMSKQRRTGKIIFVASFLSYVSFAGY
SSFSPAKYALRGLSDALRSEMLLHNIDIHIFLPCGISGPGFDAENRTKPAVTKKIEEGDTPITPDVCAAALESGLKKGYY
QITDNLVTEPIRLRSNGGVPTNNFLLSGSHHHHHH
;
_entity_poly.pdbx_strand_id   A
#
loop_
_chem_comp.id
_chem_comp.type
_chem_comp.name
_chem_comp.formula
NDP non-polymer 'NADPH DIHYDRO-NICOTINAMIDE-ADENINE-DINUCLEOTIDE PHOSPHATE' 'C21 H30 N7 O17 P3'
#
# COMPACT_ATOMS: atom_id res chain seq x y z
N TYR A 4 8.85 13.65 -5.31
CA TYR A 4 7.48 13.01 -5.41
C TYR A 4 6.68 13.56 -6.61
N ASP A 5 7.09 13.24 -7.84
CA ASP A 5 6.25 13.43 -9.06
C ASP A 5 5.70 12.08 -9.48
N PRO A 6 4.40 11.82 -9.21
CA PRO A 6 3.79 10.53 -9.51
C PRO A 6 3.59 10.26 -11.01
N ARG A 7 3.53 11.29 -11.84
CA ARG A 7 3.16 11.09 -13.27
C ARG A 7 4.20 10.23 -14.01
N GLY A 8 3.71 9.21 -14.72
CA GLY A 8 4.52 8.29 -15.54
C GLY A 8 5.23 7.29 -14.65
N LYS A 9 4.79 7.15 -13.40
CA LYS A 9 5.44 6.27 -12.39
C LYS A 9 4.51 5.11 -12.03
N HIS A 10 5.06 3.90 -11.93
CA HIS A 10 4.32 2.71 -11.44
C HIS A 10 3.93 2.94 -9.99
N CYS A 11 2.63 2.94 -9.70
CA CYS A 11 2.07 3.16 -8.35
C CYS A 11 1.33 1.91 -7.89
N TYR A 12 1.97 1.05 -7.11
CA TYR A 12 1.44 -0.26 -6.65
C TYR A 12 0.78 -0.06 -5.30
N ILE A 13 -0.54 -0.22 -5.24
CA ILE A 13 -1.40 0.20 -4.10
C ILE A 13 -2.15 -1.00 -3.58
N THR A 14 -1.72 -1.53 -2.43
CA THR A 14 -2.44 -2.63 -1.75
C THR A 14 -3.72 -2.03 -1.17
N GLY A 15 -4.82 -2.77 -1.11
CA GLY A 15 -6.09 -2.26 -0.57
C GLY A 15 -6.70 -1.15 -1.43
N GLY A 16 -6.38 -1.12 -2.72
CA GLY A 16 -6.82 -0.08 -3.66
C GLY A 16 -8.24 -0.26 -4.16
N SER A 17 -8.96 -1.31 -3.75
CA SER A 17 -10.31 -1.63 -4.26
C SER A 17 -11.39 -1.13 -3.28
N SER A 18 -11.00 -0.56 -2.14
CA SER A 18 -11.91 0.04 -1.12
C SER A 18 -11.36 1.39 -0.66
N GLY A 19 -11.88 1.91 0.46
CA GLY A 19 -11.82 3.31 0.87
C GLY A 19 -10.59 4.07 0.39
N LEU A 20 -9.65 4.31 1.29
CA LEU A 20 -8.52 5.25 1.07
C LEU A 20 -7.69 4.81 -0.13
N GLY A 21 -7.48 3.50 -0.31
CA GLY A 21 -6.66 2.94 -1.41
C GLY A 21 -7.27 3.24 -2.78
N LYS A 22 -8.60 3.11 -2.92
CA LYS A 22 -9.29 3.42 -4.19
C LYS A 22 -9.08 4.91 -4.45
N ALA A 23 -9.52 5.74 -3.50
CA ALA A 23 -9.35 7.21 -3.54
C ALA A 23 -7.97 7.57 -4.15
N LEU A 24 -6.91 7.06 -3.56
CA LEU A 24 -5.50 7.35 -3.92
C LEU A 24 -5.27 7.04 -5.38
N ALA A 25 -5.80 5.92 -5.87
CA ALA A 25 -5.74 5.52 -7.30
C ALA A 25 -6.47 6.57 -8.15
N GLU A 26 -7.71 6.91 -7.79
CA GLU A 26 -8.49 7.95 -8.48
C GLU A 26 -7.53 9.09 -8.86
N ARG A 27 -6.79 9.65 -7.90
CA ARG A 27 -6.01 10.88 -8.15
C ARG A 27 -4.67 10.56 -8.80
N LEU A 28 -4.01 9.49 -8.38
CA LEU A 28 -2.70 9.07 -8.94
C LEU A 28 -2.86 8.80 -10.44
N VAL A 29 -4.08 8.47 -10.88
CA VAL A 29 -4.48 8.40 -12.32
C VAL A 29 -4.66 9.84 -12.83
N LYS A 30 -5.71 10.54 -12.37
CA LYS A 30 -6.05 11.93 -12.78
C LYS A 30 -4.77 12.70 -13.06
N GLN A 31 -3.71 12.42 -12.29
CA GLN A 31 -2.40 13.08 -12.37
C GLN A 31 -1.56 12.49 -13.50
N GLY A 32 -1.59 11.17 -13.67
CA GLY A 32 -1.09 10.49 -14.90
C GLY A 32 -0.06 9.42 -14.65
N ALA A 33 -0.26 8.57 -13.63
CA ALA A 33 0.65 7.48 -13.20
C ALA A 33 0.30 6.17 -13.91
N HIS A 34 1.10 5.13 -13.69
CA HIS A 34 0.71 3.73 -13.96
C HIS A 34 0.25 3.13 -12.63
N VAL A 35 -1.03 2.78 -12.53
CA VAL A 35 -1.69 2.48 -11.23
C VAL A 35 -2.09 1.00 -11.17
N THR A 36 -1.51 0.28 -10.21
CA THR A 36 -1.78 -1.15 -9.95
C THR A 36 -2.42 -1.32 -8.57
N ILE A 37 -3.68 -1.75 -8.54
CA ILE A 37 -4.43 -2.00 -7.29
C ILE A 37 -4.37 -3.50 -7.01
N VAL A 38 -4.21 -3.83 -5.73
CA VAL A 38 -4.25 -5.22 -5.24
C VAL A 38 -5.39 -5.30 -4.24
N GLY A 39 -6.02 -6.47 -4.18
CA GLY A 39 -7.12 -6.78 -3.27
C GLY A 39 -7.34 -8.27 -3.29
N ARG A 40 -8.30 -8.78 -2.52
CA ARG A 40 -8.65 -10.22 -2.63
C ARG A 40 -9.78 -10.36 -3.62
N ASP A 41 -10.80 -9.51 -3.52
CA ASP A 41 -12.05 -9.65 -4.31
C ASP A 41 -11.76 -9.27 -5.77
N SER A 42 -11.66 -10.27 -6.64
CA SER A 42 -11.39 -10.11 -8.09
C SER A 42 -12.44 -9.17 -8.71
N LYS A 43 -13.73 -9.48 -8.60
CA LYS A 43 -14.79 -8.64 -9.22
C LYS A 43 -14.72 -7.20 -8.66
N LYS A 44 -14.61 -7.07 -7.33
CA LYS A 44 -14.54 -5.77 -6.64
C LYS A 44 -13.45 -4.90 -7.31
N ALA A 45 -12.25 -5.47 -7.46
CA ALA A 45 -11.06 -4.79 -8.04
C ALA A 45 -11.21 -4.59 -9.55
N GLU A 46 -11.60 -5.63 -10.30
CA GLU A 46 -11.67 -5.55 -11.79
C GLU A 46 -12.82 -4.61 -12.15
N GLY A 47 -13.77 -4.40 -11.24
CA GLY A 47 -14.75 -3.31 -11.35
C GLY A 47 -14.08 -1.94 -11.33
N VAL A 48 -13.48 -1.61 -10.19
CA VAL A 48 -12.74 -0.33 -9.97
C VAL A 48 -11.75 -0.14 -11.13
N VAL A 49 -10.95 -1.17 -11.45
CA VAL A 49 -10.00 -1.12 -12.60
C VAL A 49 -10.65 -0.34 -13.73
N GLU A 50 -11.80 -0.84 -14.24
CA GLU A 50 -12.43 -0.34 -15.49
C GLU A 50 -13.02 1.03 -15.20
N GLU A 51 -13.63 1.22 -14.02
CA GLU A 51 -14.07 2.57 -13.56
C GLU A 51 -12.93 3.57 -13.80
N LEU A 52 -11.73 3.29 -13.29
CA LEU A 52 -10.53 4.17 -13.47
C LEU A 52 -10.06 4.10 -14.92
N LYS A 53 -10.26 2.98 -15.62
CA LYS A 53 -9.76 2.85 -17.01
C LYS A 53 -10.45 3.93 -17.84
N ALA A 54 -11.73 4.17 -17.56
CA ALA A 54 -12.57 5.23 -18.18
C ALA A 54 -11.76 6.52 -18.34
N ILE A 55 -11.36 7.06 -17.20
CA ILE A 55 -10.91 8.46 -17.01
C ILE A 55 -9.40 8.56 -17.24
N ALA A 56 -8.71 7.44 -17.40
CA ALA A 56 -7.29 7.44 -17.83
C ALA A 56 -7.23 7.97 -19.26
N ALA A 57 -6.15 8.70 -19.59
CA ALA A 57 -5.72 8.98 -20.97
C ALA A 57 -5.08 7.72 -21.53
N PRO A 58 -5.30 7.37 -22.82
CA PRO A 58 -4.64 6.21 -23.42
C PRO A 58 -3.17 6.01 -23.03
N GLY A 59 -2.72 4.74 -22.99
CA GLY A 59 -1.31 4.33 -22.82
C GLY A 59 -0.87 4.24 -21.36
N GLN A 60 -1.75 4.61 -20.42
CA GLN A 60 -1.54 4.48 -18.95
C GLN A 60 -1.81 3.03 -18.52
N ILE A 61 -0.79 2.26 -18.11
CA ILE A 61 -1.02 0.87 -17.60
C ILE A 61 -1.87 0.96 -16.32
N ILE A 62 -3.14 0.49 -16.35
CA ILE A 62 -4.05 0.47 -15.17
C ILE A 62 -4.54 -0.96 -14.86
N GLN A 63 -3.72 -1.77 -14.18
CA GLN A 63 -4.04 -3.20 -13.94
C GLN A 63 -4.45 -3.40 -12.49
N CYS A 64 -4.81 -4.64 -12.16
CA CYS A 64 -5.17 -5.07 -10.79
C CYS A 64 -4.84 -6.56 -10.61
N ILE A 65 -4.71 -6.99 -9.36
CA ILE A 65 -4.18 -8.32 -8.96
C ILE A 65 -4.93 -8.82 -7.73
N ALA A 66 -5.50 -10.02 -7.78
CA ALA A 66 -6.18 -10.68 -6.64
C ALA A 66 -5.18 -11.53 -5.83
N ALA A 67 -5.01 -11.22 -4.55
CA ALA A 67 -4.02 -11.90 -3.69
C ALA A 67 -4.38 -11.72 -2.21
N ASP A 68 -4.23 -12.78 -1.42
CA ASP A 68 -4.21 -12.65 0.06
C ASP A 68 -2.81 -12.23 0.51
N LEU A 69 -2.65 -10.99 0.94
CA LEU A 69 -1.33 -10.40 1.25
C LEU A 69 -0.91 -10.76 2.67
N THR A 70 -1.60 -11.72 3.27
CA THR A 70 -1.21 -12.36 4.53
C THR A 70 -0.34 -13.60 4.26
N SER A 71 -0.25 -14.06 3.02
CA SER A 71 0.72 -15.09 2.60
C SER A 71 1.97 -14.39 2.10
N PRO A 72 3.18 -14.79 2.57
CA PRO A 72 4.43 -14.27 2.06
C PRO A 72 4.54 -14.46 0.55
N ILE A 73 4.09 -15.62 0.06
CA ILE A 73 4.26 -16.04 -1.37
C ILE A 73 3.32 -15.20 -2.24
N ALA A 74 2.05 -15.11 -1.86
CA ALA A 74 1.06 -14.25 -2.54
C ALA A 74 1.63 -12.82 -2.62
N SER A 75 1.97 -12.24 -1.48
CA SER A 75 2.58 -10.89 -1.40
C SER A 75 3.73 -10.79 -2.41
N THR A 76 4.54 -11.84 -2.53
CA THR A 76 5.80 -11.82 -3.30
C THR A 76 5.48 -11.94 -4.79
N ASN A 77 4.61 -12.89 -5.15
CA ASN A 77 4.13 -13.10 -6.53
C ASN A 77 3.35 -11.91 -7.06
N ALA A 78 2.57 -11.23 -6.22
CA ALA A 78 1.75 -10.08 -6.63
C ALA A 78 2.66 -8.98 -7.18
N ILE A 79 3.46 -8.36 -6.32
CA ILE A 79 4.38 -7.24 -6.69
C ILE A 79 5.20 -7.64 -7.91
N HIS A 80 5.63 -8.90 -7.99
CA HIS A 80 6.43 -9.40 -9.13
C HIS A 80 5.56 -9.38 -10.39
N ALA A 81 4.36 -9.97 -10.35
CA ALA A 81 3.33 -9.91 -11.41
C ALA A 81 3.16 -8.49 -11.98
N ALA A 82 3.04 -7.48 -11.13
CA ALA A 82 2.65 -6.10 -11.51
C ALA A 82 3.79 -5.35 -12.21
N CYS A 83 4.91 -6.01 -12.48
CA CYS A 83 6.09 -5.38 -13.13
C CYS A 83 6.51 -6.14 -14.39
N LYS A 84 5.93 -7.31 -14.66
CA LYS A 84 6.08 -7.98 -15.99
C LYS A 84 5.57 -7.00 -17.05
N PRO A 85 4.38 -6.38 -16.90
CA PRO A 85 3.93 -5.32 -17.79
C PRO A 85 4.90 -4.14 -17.82
N HIS A 86 5.45 -3.79 -16.65
CA HIS A 86 6.36 -2.63 -16.48
C HIS A 86 7.83 -3.03 -16.70
N ALA A 87 8.09 -3.97 -17.61
CA ALA A 87 9.47 -4.29 -18.05
C ALA A 87 10.33 -4.63 -16.83
N ASP A 88 9.76 -5.33 -15.85
CA ASP A 88 10.48 -5.79 -14.63
C ASP A 88 11.00 -4.59 -13.80
N GLN A 89 10.97 -3.35 -14.31
CA GLN A 89 11.08 -2.13 -13.46
C GLN A 89 10.29 -2.39 -12.17
N ALA A 90 10.97 -2.42 -11.02
CA ALA A 90 10.33 -2.31 -9.69
C ALA A 90 9.29 -1.20 -9.74
N PRO A 91 8.29 -1.20 -8.83
CA PRO A 91 7.44 -0.04 -8.67
C PRO A 91 8.32 1.14 -8.23
N ASP A 92 7.78 2.34 -8.34
CA ASP A 92 8.39 3.56 -7.75
C ASP A 92 7.70 3.75 -6.41
N TYR A 93 6.42 4.10 -6.42
CA TYR A 93 5.64 4.48 -5.22
C TYR A 93 4.73 3.29 -4.87
N VAL A 94 4.87 2.83 -3.63
CA VAL A 94 4.11 1.69 -3.05
C VAL A 94 3.33 2.19 -1.85
N TYR A 95 2.00 1.97 -1.85
CA TYR A 95 1.01 2.47 -0.87
C TYR A 95 0.36 1.25 -0.20
N LEU A 96 0.40 1.21 1.14
CA LEU A 96 0.04 0.03 1.97
C LEU A 96 -1.22 0.37 2.77
N CYS A 97 -2.38 -0.01 2.22
CA CYS A 97 -3.74 0.38 2.68
C CYS A 97 -4.62 -0.84 2.94
N ALA A 98 -4.21 -2.03 2.49
CA ALA A 98 -4.82 -3.31 2.90
C ALA A 98 -4.98 -3.33 4.43
N GLY A 99 -6.10 -3.86 4.92
CA GLY A 99 -6.49 -3.84 6.33
C GLY A 99 -7.92 -4.29 6.49
N PHE A 100 -8.21 -4.98 7.59
CA PHE A 100 -9.58 -5.22 8.09
C PHE A 100 -9.58 -4.84 9.57
N SER A 101 -10.75 -4.50 10.11
CA SER A 101 -10.95 -4.16 11.54
C SER A 101 -12.26 -4.79 12.02
N ARG A 102 -12.15 -5.88 12.80
CA ARG A 102 -13.27 -6.73 13.28
C ARG A 102 -13.25 -6.67 14.81
N PRO A 103 -13.51 -5.49 15.43
CA PRO A 103 -13.13 -5.23 16.81
C PRO A 103 -13.88 -6.08 17.85
N LYS A 104 -13.24 -6.38 18.99
CA LYS A 104 -13.76 -7.36 19.98
C LYS A 104 -13.13 -7.11 21.37
N LEU A 105 -13.53 -7.91 22.36
CA LEU A 105 -12.93 -7.92 23.72
C LEU A 105 -11.87 -9.00 23.81
N PHE A 106 -10.71 -8.62 24.33
CA PHE A 106 -9.60 -9.55 24.63
C PHE A 106 -10.16 -10.86 25.16
N VAL A 107 -10.84 -10.84 26.31
CA VAL A 107 -11.34 -12.08 26.99
C VAL A 107 -12.25 -12.85 26.05
N GLU A 108 -13.07 -12.13 25.26
CA GLU A 108 -14.02 -12.70 24.26
C GLU A 108 -13.26 -13.42 23.13
N THR A 109 -12.01 -13.03 22.83
CA THR A 109 -11.23 -13.43 21.62
C THR A 109 -10.52 -14.78 21.78
N THR A 110 -10.60 -15.64 20.75
CA THR A 110 -9.77 -16.87 20.62
C THR A 110 -8.33 -16.50 20.23
N LYS A 111 -7.37 -17.38 20.51
CA LYS A 111 -5.95 -17.09 20.23
C LYS A 111 -5.79 -17.05 18.71
N GLN A 112 -6.54 -17.89 18.01
CA GLN A 112 -6.59 -17.94 16.53
C GLN A 112 -7.22 -16.66 15.99
N GLU A 113 -8.19 -16.09 16.71
CA GLU A 113 -8.74 -14.75 16.39
C GLU A 113 -7.63 -13.71 16.47
N LEU A 114 -6.80 -13.68 17.52
CA LEU A 114 -5.72 -12.67 17.67
C LEU A 114 -4.70 -12.78 16.54
N LYS A 115 -4.19 -13.98 16.30
CA LYS A 115 -3.21 -14.25 15.23
C LYS A 115 -3.81 -13.70 13.93
N ASP A 116 -5.08 -14.02 13.65
CA ASP A 116 -5.81 -13.58 12.43
C ASP A 116 -5.81 -12.06 12.29
N GLY A 117 -5.92 -11.33 13.39
CA GLY A 117 -6.07 -9.86 13.38
C GLY A 117 -4.75 -9.14 13.09
N LEU A 118 -3.66 -9.70 13.58
CA LEU A 118 -2.28 -9.21 13.33
C LEU A 118 -1.91 -9.47 11.88
N ASP A 119 -2.00 -10.72 11.44
CA ASP A 119 -1.88 -11.12 10.00
C ASP A 119 -2.70 -10.15 9.16
N GLY A 120 -3.93 -9.89 9.61
CA GLY A 120 -4.92 -9.02 8.94
C GLY A 120 -4.46 -7.58 8.74
N VAL A 121 -3.67 -7.02 9.66
CA VAL A 121 -3.35 -5.56 9.71
C VAL A 121 -1.85 -5.34 9.48
N TYR A 122 -0.98 -6.12 10.10
CA TYR A 122 0.49 -5.97 9.98
C TYR A 122 1.04 -6.57 8.67
N TRP A 123 1.11 -7.89 8.61
CA TRP A 123 1.82 -8.62 7.52
C TRP A 123 1.31 -8.19 6.16
N VAL A 124 0.02 -7.96 6.00
CA VAL A 124 -0.54 -7.46 4.69
C VAL A 124 0.40 -6.37 4.16
N SER A 125 0.82 -5.46 5.04
CA SER A 125 1.69 -4.31 4.73
C SER A 125 3.13 -4.78 4.72
N ALA A 126 3.51 -5.59 5.68
CA ALA A 126 4.94 -5.88 5.98
C ALA A 126 5.50 -6.83 4.93
N TYR A 127 4.86 -7.97 4.68
CA TYR A 127 5.34 -8.99 3.71
C TYR A 127 5.59 -8.31 2.36
N THR A 128 4.73 -7.38 1.99
CA THR A 128 4.90 -6.59 0.74
C THR A 128 6.14 -5.67 0.87
N ALA A 129 6.09 -4.70 1.77
CA ALA A 129 7.20 -3.77 2.11
C ALA A 129 8.55 -4.48 2.00
N HIS A 130 8.68 -5.70 2.52
CA HIS A 130 9.93 -6.50 2.46
C HIS A 130 10.30 -6.69 1.00
N GLU A 131 9.52 -7.48 0.26
CA GLU A 131 9.81 -7.83 -1.14
C GLU A 131 9.98 -6.54 -1.97
N ALA A 132 9.16 -5.52 -1.70
CA ALA A 132 9.29 -4.17 -2.29
C ALA A 132 10.73 -3.66 -2.21
N CYS A 133 11.27 -3.47 -1.00
CA CYS A 133 12.67 -3.04 -0.78
C CYS A 133 13.63 -3.99 -1.49
N GLN A 134 13.64 -5.25 -1.08
CA GLN A 134 14.36 -6.37 -1.75
C GLN A 134 14.40 -6.17 -3.27
N MET A 135 13.35 -5.59 -3.87
CA MET A 135 13.32 -5.35 -5.33
C MET A 135 14.17 -4.12 -5.69
N MET A 136 13.80 -2.94 -5.21
CA MET A 136 14.53 -1.68 -5.50
C MET A 136 16.03 -1.83 -5.17
N SER A 137 16.34 -2.42 -4.01
CA SER A 137 17.70 -2.68 -3.49
C SER A 137 18.56 -3.35 -4.57
N LYS A 138 18.07 -4.50 -5.04
CA LYS A 138 18.82 -5.45 -5.92
C LYS A 138 18.85 -4.90 -7.35
N GLN A 139 17.76 -4.29 -7.80
CA GLN A 139 17.74 -3.50 -9.05
C GLN A 139 18.55 -2.22 -8.84
N ARG A 140 18.83 -1.86 -7.59
CA ARG A 140 19.54 -0.61 -7.20
C ARG A 140 18.83 0.57 -7.87
N ARG A 141 17.53 0.71 -7.62
CA ARG A 141 16.75 1.94 -7.93
C ARG A 141 16.20 2.47 -6.62
N THR A 142 15.60 3.66 -6.61
CA THR A 142 15.06 4.30 -5.38
C THR A 142 13.54 4.21 -5.40
N GLY A 143 12.83 5.27 -4.99
CA GLY A 143 11.37 5.25 -4.86
C GLY A 143 10.96 4.97 -3.42
N LYS A 144 9.66 5.11 -3.12
CA LYS A 144 9.14 5.28 -1.75
C LYS A 144 8.35 4.05 -1.29
N ILE A 145 8.24 3.87 0.02
CA ILE A 145 7.35 2.89 0.71
C ILE A 145 6.53 3.64 1.78
N ILE A 146 5.21 3.61 1.66
CA ILE A 146 4.30 4.43 2.49
C ILE A 146 3.34 3.50 3.25
N PHE A 147 3.50 3.49 4.57
CA PHE A 147 2.62 2.73 5.49
C PHE A 147 1.42 3.59 5.85
N VAL A 148 0.28 2.94 6.09
CA VAL A 148 -0.91 3.61 6.64
C VAL A 148 -1.29 2.93 7.95
N ALA A 149 -1.48 3.73 9.01
CA ALA A 149 -2.01 3.34 10.34
C ALA A 149 -3.20 4.22 10.70
N SER A 150 -3.22 4.85 11.88
CA SER A 150 -4.43 5.54 12.39
C SER A 150 -4.16 6.13 13.79
N TYR A 160 -11.52 -3.51 23.57
CA TYR A 160 -12.18 -2.90 22.38
C TYR A 160 -11.35 -3.27 21.13
N SER A 161 -10.07 -2.87 21.08
CA SER A 161 -9.18 -3.00 19.89
C SER A 161 -8.52 -4.39 19.85
N SER A 162 -7.23 -4.52 20.20
CA SER A 162 -6.39 -5.74 19.96
C SER A 162 -6.08 -5.91 18.46
N PHE A 163 -6.31 -4.87 17.64
CA PHE A 163 -5.66 -4.64 16.32
C PHE A 163 -4.54 -3.61 16.52
N SER A 164 -4.69 -2.77 17.56
CA SER A 164 -3.71 -1.79 18.12
C SER A 164 -2.28 -2.30 18.08
N PRO A 165 -1.98 -3.46 18.69
CA PRO A 165 -0.65 -4.04 18.55
C PRO A 165 -0.18 -3.90 17.10
N ALA A 166 -0.97 -4.42 16.15
CA ALA A 166 -0.64 -4.51 14.71
C ALA A 166 -0.36 -3.13 14.14
N LYS A 167 -1.07 -2.10 14.60
CA LYS A 167 -0.89 -0.69 14.16
C LYS A 167 0.46 -0.21 14.71
N TYR A 168 0.73 -0.48 15.99
CA TYR A 168 2.00 -0.09 16.62
C TYR A 168 3.14 -0.76 15.87
N ALA A 169 2.95 -2.02 15.52
CA ALA A 169 3.97 -2.80 14.79
C ALA A 169 4.35 -2.04 13.52
N LEU A 170 3.37 -1.50 12.81
CA LEU A 170 3.63 -0.77 11.55
C LEU A 170 4.53 0.42 11.86
N ARG A 171 4.09 1.31 12.75
CA ARG A 171 4.93 2.44 13.25
C ARG A 171 6.34 1.89 13.53
N GLY A 172 6.42 0.79 14.28
CA GLY A 172 7.66 0.09 14.64
C GLY A 172 8.50 -0.24 13.42
N LEU A 173 7.90 -0.76 12.37
CA LEU A 173 8.64 -1.18 11.15
C LEU A 173 9.00 0.05 10.30
N SER A 174 8.07 0.97 10.12
CA SER A 174 8.30 2.31 9.52
C SER A 174 9.59 2.91 10.10
N ASP A 175 9.68 2.94 11.44
CA ASP A 175 10.74 3.63 12.21
C ASP A 175 12.07 2.90 11.99
N ALA A 176 12.06 1.57 12.08
CA ALA A 176 13.22 0.70 11.82
C ALA A 176 13.74 0.97 10.39
N LEU A 177 12.84 0.94 9.41
CA LEU A 177 13.19 1.13 7.98
C LEU A 177 13.66 2.56 7.80
N ARG A 178 12.88 3.52 8.31
CA ARG A 178 13.12 4.97 8.06
C ARG A 178 14.56 5.27 8.44
N SER A 179 15.08 4.56 9.44
CA SER A 179 16.55 4.39 9.68
C SER A 179 17.16 3.62 8.50
N GLU A 180 17.27 2.29 8.64
CA GLU A 180 18.00 1.33 7.76
C GLU A 180 18.05 1.80 6.29
N MET A 181 16.89 2.03 5.66
CA MET A 181 16.76 1.96 4.17
C MET A 181 17.25 3.26 3.52
N LEU A 182 17.78 4.17 4.35
CA LEU A 182 18.59 5.31 3.88
C LEU A 182 20.06 4.85 3.86
N LEU A 183 20.27 3.55 3.65
CA LEU A 183 21.53 2.92 3.18
C LEU A 183 21.30 2.36 1.77
N HIS A 184 20.05 2.17 1.39
CA HIS A 184 19.71 1.79 -0.01
C HIS A 184 18.93 2.94 -0.64
N ASN A 185 18.97 4.14 -0.01
CA ASN A 185 18.48 5.41 -0.61
C ASN A 185 17.04 5.14 -1.03
N ILE A 186 16.18 4.88 -0.06
CA ILE A 186 14.73 4.64 -0.27
C ILE A 186 13.98 5.49 0.74
N ASP A 187 13.11 6.39 0.26
CA ASP A 187 12.18 7.18 1.08
C ASP A 187 11.25 6.20 1.81
N ILE A 188 10.88 6.56 3.04
CA ILE A 188 9.94 5.81 3.92
C ILE A 188 9.00 6.83 4.53
N HIS A 189 7.69 6.59 4.51
CA HIS A 189 6.70 7.51 5.09
C HIS A 189 5.64 6.70 5.84
N ILE A 190 4.74 7.39 6.55
CA ILE A 190 3.66 6.74 7.34
C ILE A 190 2.56 7.77 7.65
N PHE A 191 1.31 7.30 7.65
CA PHE A 191 0.06 8.10 7.68
C PHE A 191 -0.69 7.79 8.98
N LEU A 192 -1.24 8.81 9.62
CA LEU A 192 -1.91 8.74 10.94
C LEU A 192 -3.21 9.55 10.89
N PRO A 193 -4.22 9.05 10.14
CA PRO A 193 -5.54 9.66 10.08
C PRO A 193 -6.43 9.38 11.29
N ILE A 222 -14.58 11.69 7.54
CA ILE A 222 -13.92 12.39 6.40
C ILE A 222 -13.87 11.43 5.20
N THR A 223 -14.60 11.77 4.12
CA THR A 223 -14.60 10.99 2.85
C THR A 223 -13.15 10.55 2.61
N PRO A 224 -12.87 9.26 2.29
CA PRO A 224 -11.48 8.82 2.09
C PRO A 224 -10.63 9.81 1.28
N ASP A 225 -11.15 10.32 0.15
CA ASP A 225 -10.46 11.20 -0.84
C ASP A 225 -9.85 12.45 -0.19
N VAL A 226 -10.47 12.91 0.89
CA VAL A 226 -9.90 13.90 1.87
C VAL A 226 -8.52 13.39 2.31
N CYS A 227 -8.51 12.40 3.22
CA CYS A 227 -7.29 11.73 3.74
C CYS A 227 -6.26 11.56 2.61
N ALA A 228 -6.74 11.19 1.42
CA ALA A 228 -5.94 11.03 0.19
C ALA A 228 -5.15 12.32 -0.09
N ALA A 229 -5.81 13.48 0.03
CA ALA A 229 -5.17 14.80 -0.20
C ALA A 229 -4.11 15.03 0.88
N ALA A 230 -4.52 14.92 2.14
CA ALA A 230 -3.62 15.04 3.31
C ALA A 230 -2.31 14.33 2.98
N LEU A 231 -2.42 13.11 2.46
CA LEU A 231 -1.26 12.23 2.22
C LEU A 231 -0.39 12.79 1.09
N GLU A 232 -0.96 12.99 -0.09
CA GLU A 232 -0.25 13.59 -1.26
C GLU A 232 0.32 14.96 -0.84
N SER A 233 -0.44 15.69 -0.02
CA SER A 233 -0.02 16.96 0.61
C SER A 233 1.35 16.78 1.27
N GLY A 234 1.37 16.16 2.46
CA GLY A 234 2.59 15.92 3.26
C GLY A 234 3.67 15.15 2.51
N LEU A 235 3.34 14.48 1.41
CA LEU A 235 4.32 13.67 0.67
C LEU A 235 5.16 14.58 -0.21
N LYS A 236 4.53 15.53 -0.90
CA LYS A 236 5.27 16.49 -1.77
C LYS A 236 6.11 17.38 -0.86
N LYS A 237 5.65 17.64 0.37
CA LYS A 237 6.34 18.42 1.43
C LYS A 237 7.24 17.54 2.31
N GLY A 238 7.41 16.25 1.96
CA GLY A 238 8.59 15.43 2.33
C GLY A 238 8.64 14.95 3.78
N TYR A 239 7.65 15.26 4.64
CA TYR A 239 7.59 14.72 6.02
C TYR A 239 7.51 13.18 5.95
N TYR A 240 8.12 12.53 6.93
CA TYR A 240 8.15 11.06 7.09
C TYR A 240 6.88 10.59 7.80
N GLN A 241 6.34 11.43 8.67
CA GLN A 241 5.09 11.21 9.45
C GLN A 241 4.05 12.23 8.98
N ILE A 242 2.80 11.82 8.74
CA ILE A 242 1.75 12.63 8.06
C ILE A 242 0.39 12.37 8.73
N THR A 243 -0.33 13.44 9.12
CA THR A 243 -1.66 13.39 9.80
C THR A 243 -2.73 14.01 8.89
N ASP A 244 -3.84 14.49 9.44
CA ASP A 244 -4.91 15.21 8.67
C ASP A 244 -5.39 16.43 9.47
PA NDP B . -12.15 -1.42 3.80
O1A NDP B . -13.42 -1.21 3.04
O2A NDP B . -12.10 -2.53 4.79
O5B NDP B . -10.90 -1.54 2.77
C5B NDP B . -9.87 -2.55 2.91
C4B NDP B . -9.17 -2.75 1.58
O4B NDP B . -8.00 -3.59 1.78
C3B NDP B . -9.97 -3.44 0.46
O3B NDP B . -9.55 -3.10 -0.86
C2B NDP B . -9.60 -4.90 0.62
O2B NDP B . -9.85 -5.57 -0.61
C1B NDP B . -8.12 -4.73 0.95
N9A NDP B . -7.58 -5.88 1.62
C8A NDP B . -7.82 -6.28 2.91
N7A NDP B . -7.22 -7.40 3.23
C5A NDP B . -6.57 -7.78 2.08
C6A NDP B . -5.77 -8.89 1.78
N6A NDP B . -5.51 -9.87 2.63
N1A NDP B . -5.29 -8.98 0.51
C2A NDP B . -5.59 -7.99 -0.36
N3A NDP B . -6.32 -6.91 -0.18
C4A NDP B . -6.79 -6.86 1.07
O3 NDP B . -11.78 -0.07 4.55
PN NDP B . -10.97 1.24 4.11
O1N NDP B . -11.86 2.43 4.32
O2N NDP B . -10.38 1.02 2.75
O5D NDP B . -9.81 1.24 5.21
P2B NDP B . -10.86 -6.85 -0.64
O1X NDP B . -11.37 -7.06 -2.06
O2X NDP B . -11.98 -6.65 0.36
O3X NDP B . -9.92 -7.94 -0.24
#